data_1Z67
#
_entry.id   1Z67
#
_cell.length_a   57.476
_cell.length_b   40.479
_cell.length_c   48.333
_cell.angle_alpha   90.00
_cell.angle_beta   93.78
_cell.angle_gamma   90.00
#
_symmetry.space_group_name_H-M   'C 1 2 1'
#
loop_
_entity.id
_entity.type
_entity.pdbx_description
1 polymer 'hypothetical protein S4005'
2 non-polymer 'SODIUM ION'
3 water water
#
_entity_poly.entity_id   1
_entity_poly.type   'polypeptide(L)'
_entity_poly.pdbx_seq_one_letter_code
;SNA(MSE)GLFDEVVGAFLKGDAGKYQAILSWVEEQGGIQVLLEKLQSGGLGAILSTWLSNQQRNQSVSGEQLESALGTN
AVSDLGQKLGVDTSTASSLLAEQLPKIIDALSPQGEVSAQANNDLLSAG(MSE)ELLKGKLFR
;
_entity_poly.pdbx_strand_id   A
#
loop_
_chem_comp.id
_chem_comp.type
_chem_comp.name
_chem_comp.formula
NA non-polymer 'SODIUM ION' 'Na 1'
#
# COMPACT_ATOMS: atom_id res chain seq x y z
N LEU A 6 -19.38 20.68 -10.90
CA LEU A 6 -18.99 19.32 -11.42
C LEU A 6 -18.00 19.36 -12.60
N PHE A 7 -18.11 20.37 -13.46
CA PHE A 7 -17.30 20.42 -14.68
C PHE A 7 -15.82 20.48 -14.32
N ASP A 8 -15.46 21.42 -13.45
CA ASP A 8 -14.06 21.54 -13.07
C ASP A 8 -13.55 20.30 -12.30
N GLU A 9 -14.42 19.65 -11.52
CA GLU A 9 -14.11 18.41 -10.84
C GLU A 9 -13.73 17.27 -11.83
N VAL A 10 -14.56 17.13 -12.84
CA VAL A 10 -14.37 16.09 -13.84
C VAL A 10 -13.12 16.41 -14.68
N VAL A 11 -12.98 17.66 -15.12
CA VAL A 11 -11.82 18.01 -15.92
C VAL A 11 -10.53 17.80 -15.11
N GLY A 12 -10.51 18.25 -13.87
CA GLY A 12 -9.36 18.02 -13.03
C GLY A 12 -8.96 16.55 -12.90
N ALA A 13 -9.96 15.70 -12.65
CA ALA A 13 -9.69 14.27 -12.51
C ALA A 13 -9.16 13.67 -13.82
N PHE A 14 -9.73 14.09 -14.95
CA PHE A 14 -9.26 13.62 -16.24
C PHE A 14 -7.81 14.00 -16.42
N LEU A 15 -7.49 15.26 -16.17
CA LEU A 15 -6.12 15.73 -16.39
C LEU A 15 -5.12 15.14 -15.42
N LYS A 16 -5.53 14.89 -14.18
CA LYS A 16 -4.60 14.41 -13.15
C LYS A 16 -4.22 12.94 -13.32
N GLY A 17 -5.14 12.13 -13.84
CA GLY A 17 -4.89 10.66 -13.91
C GLY A 17 -4.54 10.10 -12.52
N ASP A 18 -3.48 9.29 -12.45
CA ASP A 18 -3.10 8.68 -11.20
C ASP A 18 -1.93 9.42 -10.51
N ALA A 19 -1.70 10.67 -10.89
CA ALA A 19 -0.69 11.49 -10.22
C ALA A 19 -0.96 11.56 -8.72
N GLY A 20 0.10 11.45 -7.93
CA GLY A 20 -0.01 11.59 -6.48
C GLY A 20 -0.47 10.32 -5.76
N LYS A 21 -0.63 9.21 -6.49
CA LYS A 21 -1.01 7.91 -5.89
C LYS A 21 -0.06 7.48 -4.76
N TYR A 22 1.24 7.72 -4.92
CA TYR A 22 2.19 7.29 -3.89
C TYR A 22 2.07 8.11 -2.61
N GLN A 23 1.99 9.43 -2.72
CA GLN A 23 1.76 10.27 -1.52
C GLN A 23 0.47 9.85 -0.81
N ALA A 24 -0.54 9.55 -1.59
CA ALA A 24 -1.83 9.16 -1.03
C ALA A 24 -1.70 7.86 -0.26
N ILE A 25 -1.01 6.89 -0.85
CA ILE A 25 -0.86 5.59 -0.20
C ILE A 25 -0.07 5.80 1.08
N LEU A 26 1.01 6.59 1.01
CA LEU A 26 1.88 6.79 2.19
C LEU A 26 1.11 7.38 3.36
N SER A 27 0.36 8.45 3.07
CA SER A 27 -0.43 9.18 4.06
C SER A 27 -1.47 8.21 4.64
N TRP A 28 -2.12 7.45 3.76
CA TRP A 28 -3.15 6.50 4.18
C TRP A 28 -2.56 5.44 5.12
N VAL A 29 -1.37 4.92 4.82
CA VAL A 29 -0.77 3.91 5.67
C VAL A 29 -0.64 4.44 7.10
N GLU A 30 -0.15 5.65 7.23
CA GLU A 30 0.05 6.25 8.55
C GLU A 30 -1.30 6.50 9.24
N GLU A 31 -2.29 6.94 8.48
CA GLU A 31 -3.61 7.23 9.06
C GLU A 31 -4.29 5.96 9.56
N GLN A 32 -4.00 4.84 8.92
CA GLN A 32 -4.52 3.55 9.34
C GLN A 32 -3.79 2.99 10.57
N GLY A 33 -2.72 3.68 11.00
CA GLY A 33 -2.00 3.33 12.22
C GLY A 33 -0.62 2.72 11.97
N GLY A 34 -0.20 2.77 10.70
CA GLY A 34 1.14 2.34 10.33
C GLY A 34 1.21 1.00 9.60
N ILE A 35 2.36 0.76 8.97
CA ILE A 35 2.49 -0.47 8.18
C ILE A 35 2.26 -1.76 8.98
N GLN A 36 2.66 -1.77 10.25
CA GLN A 36 2.38 -2.92 11.12
C GLN A 36 0.87 -3.28 11.29
N VAL A 37 -0.02 -2.29 11.38
CA VAL A 37 -1.46 -2.55 11.40
C VAL A 37 -1.90 -3.30 10.14
N LEU A 38 -1.39 -2.85 8.98
CA LEU A 38 -1.78 -3.45 7.73
C LEU A 38 -1.25 -4.87 7.68
N LEU A 39 0.00 -5.08 8.12
CA LEU A 39 0.61 -6.42 8.13
C LEU A 39 -0.24 -7.38 8.97
N GLU A 40 -0.65 -6.92 10.13
CA GLU A 40 -1.48 -7.75 11.04
C GLU A 40 -2.82 -8.08 10.42
N LYS A 41 -3.41 -7.12 9.69
CA LYS A 41 -4.67 -7.41 9.00
C LYS A 41 -4.52 -8.41 7.87
N LEU A 42 -3.42 -8.31 7.12
CA LEU A 42 -3.18 -9.30 6.09
C LEU A 42 -3.07 -10.69 6.72
N GLN A 43 -2.38 -10.76 7.85
CA GLN A 43 -2.19 -12.02 8.55
C GLN A 43 -3.46 -12.60 9.16
N SER A 44 -4.24 -11.76 9.83
CA SER A 44 -5.53 -12.19 10.40
C SER A 44 -6.58 -12.52 9.31
N GLY A 45 -6.38 -12.01 8.08
CA GLY A 45 -7.33 -12.17 7.01
C GLY A 45 -6.99 -13.32 6.09
N GLY A 46 -6.02 -14.14 6.47
CA GLY A 46 -5.70 -15.35 5.73
C GLY A 46 -4.70 -15.18 4.61
N LEU A 47 -4.06 -14.01 4.52
CA LEU A 47 -3.10 -13.73 3.46
C LEU A 47 -1.65 -13.87 3.94
N GLY A 48 -1.44 -14.51 5.09
CA GLY A 48 -0.10 -14.66 5.63
C GLY A 48 0.90 -15.33 4.69
N ALA A 49 0.46 -16.37 3.96
CA ALA A 49 1.39 -17.06 3.05
C ALA A 49 1.76 -16.14 1.86
N ILE A 50 0.77 -15.49 1.28
CA ILE A 50 1.03 -14.49 0.23
C ILE A 50 1.93 -13.36 0.77
N LEU A 51 1.59 -12.81 1.95
CA LEU A 51 2.48 -11.81 2.53
C LEU A 51 3.93 -12.32 2.71
N SER A 52 4.10 -13.58 3.13
CA SER A 52 5.46 -14.12 3.33
C SER A 52 6.31 -14.07 2.06
N THR A 53 5.66 -14.14 0.89
CA THR A 53 6.41 -14.09 -0.37
C THR A 53 6.90 -12.66 -0.67
N TRP A 54 6.15 -11.66 -0.21
CA TRP A 54 6.57 -10.24 -0.35
C TRP A 54 7.71 -9.90 0.60
N LEU A 55 7.63 -10.45 1.81
CA LEU A 55 8.67 -10.20 2.82
C LEU A 55 10.02 -10.86 2.47
N SER A 56 9.95 -12.01 1.82
CA SER A 56 11.16 -12.78 1.49
C SER A 56 12.10 -11.93 0.62
N ASN A 57 13.41 -12.04 0.85
CA ASN A 57 14.40 -11.40 -0.02
C ASN A 57 14.96 -12.32 -1.10
N GLN A 58 14.39 -13.53 -1.18
CA GLN A 58 14.77 -14.48 -2.24
C GLN A 58 13.63 -14.75 -3.22
N GLN A 59 12.39 -14.71 -2.75
CA GLN A 59 11.21 -15.11 -3.53
C GLN A 59 10.60 -13.94 -4.32
N ARG A 60 9.95 -14.27 -5.44
CA ARG A 60 9.15 -13.32 -6.19
C ARG A 60 7.82 -13.07 -5.48
N ASN A 61 7.32 -11.86 -5.56
CA ASN A 61 6.03 -11.51 -4.94
C ASN A 61 4.89 -12.30 -5.55
N GLN A 62 4.16 -13.06 -4.73
CA GLN A 62 2.89 -13.67 -5.16
C GLN A 62 1.79 -12.63 -5.42
N SER A 63 1.04 -12.82 -6.51
CA SER A 63 -0.04 -11.90 -6.84
C SER A 63 -1.18 -11.96 -5.80
N VAL A 64 -1.89 -10.84 -5.65
CA VAL A 64 -3.07 -10.72 -4.80
C VAL A 64 -4.10 -9.91 -5.57
N SER A 65 -5.38 -10.21 -5.37
CA SER A 65 -6.43 -9.43 -6.02
C SER A 65 -6.91 -8.28 -5.16
N GLY A 66 -7.50 -7.27 -5.80
CA GLY A 66 -8.15 -6.19 -5.05
C GLY A 66 -9.21 -6.73 -4.10
N GLU A 67 -9.98 -7.71 -4.56
CA GLU A 67 -11.01 -8.32 -3.72
C GLU A 67 -10.38 -8.96 -2.49
N GLN A 68 -9.24 -9.64 -2.67
CA GLN A 68 -8.55 -10.29 -1.54
C GLN A 68 -8.10 -9.25 -0.54
N LEU A 69 -7.59 -8.13 -1.05
CA LEU A 69 -7.17 -7.08 -0.13
C LEU A 69 -8.33 -6.39 0.55
N GLU A 70 -9.41 -6.11 -0.17
CA GLU A 70 -10.57 -5.53 0.50
C GLU A 70 -11.07 -6.47 1.60
N SER A 71 -11.00 -7.78 1.35
CA SER A 71 -11.43 -8.81 2.33
C SER A 71 -10.55 -8.77 3.57
N ALA A 72 -9.25 -8.68 3.39
CA ALA A 72 -8.34 -8.74 4.52
C ALA A 72 -8.24 -7.43 5.28
N LEU A 73 -8.22 -6.32 4.55
CA LEU A 73 -7.97 -4.99 5.13
C LEU A 73 -9.22 -4.35 5.63
N GLY A 74 -10.32 -4.80 5.06
CA GLY A 74 -11.65 -4.29 5.35
C GLY A 74 -12.05 -3.22 4.35
N THR A 75 -13.35 -3.18 4.07
CA THR A 75 -13.95 -2.15 3.19
C THR A 75 -13.74 -0.73 3.65
N ASN A 76 -13.89 -0.45 4.96
CA ASN A 76 -13.68 0.90 5.43
C ASN A 76 -12.26 1.41 5.18
N ALA A 77 -11.27 0.57 5.52
CA ALA A 77 -9.85 0.91 5.28
C ALA A 77 -9.61 1.23 3.80
N VAL A 78 -10.07 0.36 2.93
CA VAL A 78 -9.84 0.58 1.50
C VAL A 78 -10.59 1.82 0.99
N SER A 79 -11.83 2.01 1.46
CA SER A 79 -12.63 3.19 1.12
C SER A 79 -11.94 4.47 1.59
N ASP A 80 -11.27 4.41 2.75
CA ASP A 80 -10.49 5.55 3.23
C ASP A 80 -9.44 5.99 2.18
N LEU A 81 -8.73 5.03 1.61
CA LEU A 81 -7.75 5.37 0.57
C LEU A 81 -8.46 5.93 -0.69
N GLY A 82 -9.56 5.27 -1.08
CA GLY A 82 -10.36 5.69 -2.24
C GLY A 82 -10.76 7.13 -2.05
N GLN A 83 -11.22 7.47 -0.83
CA GLN A 83 -11.70 8.82 -0.58
C GLN A 83 -10.62 9.86 -0.73
N LYS A 84 -9.42 9.50 -0.24
CA LYS A 84 -8.29 10.38 -0.38
C LYS A 84 -7.98 10.67 -1.84
N LEU A 85 -8.14 9.65 -2.68
CA LEU A 85 -7.89 9.78 -4.11
C LEU A 85 -9.09 10.29 -4.93
N GLY A 86 -10.27 10.32 -4.33
CA GLY A 86 -11.49 10.73 -5.03
C GLY A 86 -12.13 9.61 -5.84
N VAL A 87 -11.63 8.39 -5.66
CA VAL A 87 -12.10 7.23 -6.40
C VAL A 87 -12.93 6.22 -5.57
N ASP A 88 -13.57 5.28 -6.26
CA ASP A 88 -14.34 4.23 -5.61
C ASP A 88 -13.44 3.15 -4.99
N THR A 89 -14.06 2.37 -4.11
CA THR A 89 -13.34 1.38 -3.31
C THR A 89 -12.65 0.31 -4.15
N SER A 90 -13.27 -0.08 -5.25
CA SER A 90 -12.71 -1.09 -6.13
C SER A 90 -11.45 -0.58 -6.83
N THR A 91 -11.47 0.66 -7.32
CA THR A 91 -10.28 1.23 -7.92
C THR A 91 -9.15 1.31 -6.88
N ALA A 92 -9.47 1.74 -5.66
CA ALA A 92 -8.46 1.78 -4.59
C ALA A 92 -7.91 0.40 -4.28
N SER A 93 -8.75 -0.64 -4.26
CA SER A 93 -8.26 -1.99 -3.96
C SER A 93 -7.36 -2.48 -5.07
N SER A 94 -7.69 -2.11 -6.32
CA SER A 94 -6.85 -2.53 -7.44
C SER A 94 -5.49 -1.83 -7.38
N LEU A 95 -5.47 -0.56 -6.99
CA LEU A 95 -4.23 0.19 -6.80
C LEU A 95 -3.37 -0.49 -5.74
N LEU A 96 -3.99 -0.86 -4.63
CA LEU A 96 -3.26 -1.56 -3.59
C LEU A 96 -2.77 -2.92 -4.02
N ALA A 97 -3.54 -3.63 -4.84
CA ALA A 97 -3.14 -4.95 -5.26
C ALA A 97 -1.87 -4.87 -6.10
N GLU A 98 -1.75 -3.78 -6.87
CA GLU A 98 -0.50 -3.55 -7.65
C GLU A 98 0.65 -3.06 -6.72
N GLN A 99 0.36 -2.05 -5.90
CA GLN A 99 1.44 -1.34 -5.23
C GLN A 99 1.84 -1.88 -3.86
N LEU A 100 0.86 -2.38 -3.09
CA LEU A 100 1.19 -2.84 -1.74
C LEU A 100 2.28 -3.93 -1.69
N PRO A 101 2.24 -4.94 -2.60
CA PRO A 101 3.30 -5.95 -2.57
C PRO A 101 4.66 -5.34 -2.83
N LYS A 102 4.73 -4.36 -3.74
CA LYS A 102 6.02 -3.70 -4.05
C LYS A 102 6.51 -2.87 -2.88
N ILE A 103 5.57 -2.23 -2.18
CA ILE A 103 5.91 -1.45 -1.00
C ILE A 103 6.45 -2.32 0.11
N ILE A 104 5.74 -3.42 0.39
CA ILE A 104 6.15 -4.32 1.47
C ILE A 104 7.49 -4.97 1.13
N ASP A 105 7.65 -5.39 -0.12
CA ASP A 105 8.93 -5.97 -0.56
C ASP A 105 10.08 -4.96 -0.36
N ALA A 106 9.87 -3.73 -0.80
CA ALA A 106 10.88 -2.65 -0.67
C ALA A 106 11.24 -2.34 0.80
N LEU A 107 10.26 -2.49 1.69
CA LEU A 107 10.46 -2.25 3.13
C LEU A 107 11.15 -3.39 3.89
N SER A 108 11.42 -4.49 3.20
CA SER A 108 11.92 -5.69 3.89
C SER A 108 13.13 -6.33 3.19
N PRO A 109 14.20 -5.53 2.95
CA PRO A 109 15.36 -6.12 2.30
C PRO A 109 16.03 -7.18 3.19
N GLN A 110 15.84 -7.09 4.51
CA GLN A 110 16.40 -8.08 5.43
C GLN A 110 15.42 -9.25 5.70
N GLY A 111 14.26 -9.24 5.01
CA GLY A 111 13.25 -10.28 5.12
C GLY A 111 12.12 -10.02 6.12
N GLU A 112 12.14 -8.86 6.77
CA GLU A 112 11.05 -8.41 7.62
C GLU A 112 11.00 -6.90 7.46
N VAL A 113 9.86 -6.34 7.83
CA VAL A 113 9.72 -4.88 7.72
C VAL A 113 10.56 -4.14 8.76
N GLN A 116 12.80 3.44 10.86
CA GLN A 116 11.83 2.35 11.03
C GLN A 116 10.50 2.57 10.32
N ALA A 117 10.12 1.56 9.55
CA ALA A 117 8.92 1.61 8.74
C ALA A 117 7.63 1.91 9.50
N ASN A 118 7.46 1.33 10.69
CA ASN A 118 6.24 1.53 11.44
C ASN A 118 6.09 2.89 12.09
N ASN A 119 7.21 3.49 12.52
CA ASN A 119 7.16 4.77 13.24
C ASN A 119 7.08 6.01 12.34
N ASP A 120 7.92 6.10 11.31
CA ASP A 120 7.71 7.11 10.27
C ASP A 120 8.04 6.52 8.92
N LEU A 121 7.00 6.28 8.13
CA LEU A 121 7.16 5.62 6.84
C LEU A 121 8.06 6.41 5.88
N LEU A 122 7.85 7.72 5.76
CA LEU A 122 8.66 8.54 4.84
C LEU A 122 10.12 8.43 5.24
N SER A 123 10.40 8.46 6.54
CA SER A 123 11.78 8.37 7.02
C SER A 123 12.43 7.02 6.69
N ALA A 124 11.69 5.94 6.93
CA ALA A 124 12.14 4.60 6.54
C ALA A 124 12.37 4.52 5.03
N GLY A 125 11.45 5.09 4.24
CA GLY A 125 11.62 5.15 2.78
C GLY A 125 12.86 5.93 2.38
N MSE A 126 13.09 7.08 3.00
CA MSE A 126 14.27 7.88 2.69
C MSE A 126 15.57 7.10 3.00
O MSE A 126 16.52 7.12 2.20
CB MSE A 126 14.25 9.19 3.46
CG MSE A 126 15.47 10.03 3.22
SE MSE A 126 15.54 10.65 1.35
CE MSE A 126 13.97 11.07 1.25
N GLU A 127 15.62 6.39 4.13
CA GLU A 127 16.78 5.56 4.49
C GLU A 127 17.03 4.50 3.42
N LEU A 128 15.96 3.88 2.93
CA LEU A 128 16.09 2.85 1.90
C LEU A 128 16.62 3.41 0.58
N LEU A 129 16.06 4.55 0.18
CA LEU A 129 16.55 5.25 -1.02
C LEU A 129 18.03 5.59 -0.85
N LYS A 130 18.37 6.18 0.28
CA LYS A 130 19.78 6.55 0.50
C LYS A 130 20.67 5.31 0.54
N GLY A 131 20.15 4.18 1.03
CA GLY A 131 20.95 2.95 1.01
C GLY A 131 21.36 2.56 -0.41
N LYS A 132 20.47 2.77 -1.39
CA LYS A 132 20.82 2.49 -2.80
C LYS A 132 21.85 3.47 -3.37
N LEU A 133 21.94 4.64 -2.77
CA LEU A 133 22.92 5.64 -3.19
C LEU A 133 24.23 5.52 -2.43
N PHE A 134 24.23 4.72 -1.37
CA PHE A 134 25.40 4.44 -0.57
C PHE A 134 26.14 3.28 -1.19
NA NA B . -14.19 5.06 4.88
#